data_4GNC
#
_entry.id   4GNC
#
_cell.length_a   64.407
_cell.length_b   50.202
_cell.length_c   86.569
_cell.angle_alpha   90.00
_cell.angle_beta   99.65
_cell.angle_gamma   90.00
#
_symmetry.space_group_name_H-M   'P 1 21 1'
#
loop_
_entity.id
_entity.type
_entity.pdbx_description
1 polymer Regucalcin
2 non-polymer 'CALCIUM ION'
3 non-polymer 1,5-anhydro-D-glucitol
4 water water
#
_entity_poly.entity_id   1
_entity_poly.type   'polypeptide(L)'
_entity_poly.pdbx_seq_one_letter_code
;MSSIKIECVLPENCRCGESPVWEEVSNSLLFVDIPAKKVCRWDSFTKQVQRVTMDAPVSSVALRQSGGYVATIGTKFCAL
NWKEQSAVVLATVDNDKKNNRFNDGKVDPAGRYFAGTMAEETAPAVLERHQGALYSLFPDHHVKKYFDQVDISNGLDWSL
DHKIFYYIDSLSYSVDAFDYDLQTGQISNRRSVYKLEKEEQIPDGMCIDAEGKLWVACYNGGRVIRLDPVTGKRLQTVKL
PVDKTTSCCFGGKNYSEMYVTCARDGMDPEGLLRQPEAGGIFKITGLGVKGIAPYSYAG
;
_entity_poly.pdbx_strand_id   A,B
#
# COMPACT_ATOMS: atom_id res chain seq x y z
N SER A 2 -23.64 -13.52 -20.29
CA SER A 2 -24.33 -12.30 -20.71
C SER A 2 -23.82 -11.08 -19.96
N SER A 3 -24.11 -9.90 -20.50
CA SER A 3 -23.49 -8.65 -20.01
C SER A 3 -24.30 -7.97 -18.92
N ILE A 4 -23.63 -7.11 -18.16
CA ILE A 4 -24.31 -6.37 -17.12
C ILE A 4 -24.70 -5.01 -17.65
N LYS A 5 -25.55 -4.31 -16.93
CA LYS A 5 -25.96 -2.97 -17.28
C LYS A 5 -25.78 -2.11 -16.04
N ILE A 6 -25.27 -0.89 -16.23
CA ILE A 6 -25.00 0.04 -15.12
C ILE A 6 -25.83 1.30 -15.29
N GLU A 7 -26.51 1.71 -14.24
CA GLU A 7 -27.31 2.93 -14.28
C GLU A 7 -27.13 3.78 -13.03
N CYS A 8 -26.91 5.08 -13.22
CA CYS A 8 -26.97 6.00 -12.11
C CYS A 8 -28.42 6.32 -11.84
N VAL A 9 -28.97 5.70 -10.79
CA VAL A 9 -30.39 5.82 -10.52
C VAL A 9 -30.70 7.08 -9.73
N LEU A 10 -29.70 7.62 -9.06
CA LEU A 10 -29.86 8.86 -8.31
C LEU A 10 -28.55 9.65 -8.31
N PRO A 11 -28.49 10.74 -9.10
CA PRO A 11 -27.23 11.49 -9.14
C PRO A 11 -27.16 12.47 -7.97
N GLU A 12 -27.02 11.88 -6.78
CA GLU A 12 -27.12 12.59 -5.51
C GLU A 12 -25.91 13.49 -5.23
N ASN A 13 -24.81 13.29 -5.95
CA ASN A 13 -23.60 14.08 -5.75
C ASN A 13 -23.09 14.08 -4.31
N CYS A 14 -23.18 12.92 -3.66
CA CYS A 14 -22.75 12.79 -2.26
C CYS A 14 -21.28 13.12 -2.12
N ARG A 15 -20.92 13.81 -1.03
CA ARG A 15 -19.51 14.06 -0.75
C ARG A 15 -18.79 12.74 -0.48
N CYS A 16 -19.47 11.86 0.25
CA CYS A 16 -18.98 10.49 0.43
C CYS A 16 -20.14 9.55 0.77
N GLY A 17 -20.81 9.07 -0.26
CA GLY A 17 -21.96 8.20 -0.11
C GLY A 17 -21.44 6.90 0.47
N GLU A 18 -22.19 6.31 1.41
CA GLU A 18 -21.71 5.12 2.09
C GLU A 18 -22.84 4.29 2.65
N SER A 19 -22.48 3.14 3.23
CA SER A 19 -23.41 2.26 3.94
C SER A 19 -24.75 1.97 3.25
N PRO A 20 -24.70 1.53 1.97
CA PRO A 20 -25.97 1.17 1.33
C PRO A 20 -26.61 -0.04 1.99
N VAL A 21 -27.90 0.08 2.29
CA VAL A 21 -28.65 -1.00 2.91
C VAL A 21 -30.01 -1.11 2.21
N TRP A 22 -30.36 -2.30 1.72
CA TRP A 22 -31.67 -2.45 1.07
C TRP A 22 -32.77 -2.73 2.10
N GLU A 23 -33.77 -1.86 2.13
CA GLU A 23 -34.95 -2.07 2.96
C GLU A 23 -36.09 -2.67 2.14
N GLU A 24 -36.20 -3.99 2.14
CA GLU A 24 -37.17 -4.60 1.22
C GLU A 24 -38.64 -4.32 1.56
N VAL A 25 -38.94 -4.04 2.82
CA VAL A 25 -40.34 -3.82 3.17
C VAL A 25 -40.91 -2.52 2.56
N SER A 26 -40.02 -1.63 2.12
CA SER A 26 -40.44 -0.39 1.48
C SER A 26 -39.84 -0.26 0.06
N ASN A 27 -39.10 -1.30 -0.35
CA ASN A 27 -38.31 -1.27 -1.59
C ASN A 27 -37.48 0.01 -1.73
N SER A 28 -36.81 0.36 -0.64
CA SER A 28 -36.01 1.57 -0.61
C SER A 28 -34.57 1.23 -0.32
N LEU A 29 -33.65 2.11 -0.76
CA LEU A 29 -32.26 1.97 -0.43
C LEU A 29 -31.92 3.02 0.61
N LEU A 30 -31.34 2.59 1.73
CA LEU A 30 -30.85 3.50 2.75
C LEU A 30 -29.37 3.71 2.49
N PHE A 31 -28.88 4.92 2.75
CA PHE A 31 -27.45 5.18 2.67
C PHE A 31 -27.12 6.41 3.47
N VAL A 32 -25.84 6.74 3.60
CA VAL A 32 -25.46 7.94 4.31
C VAL A 32 -24.59 8.79 3.42
N ASP A 33 -24.50 10.08 3.74
CA ASP A 33 -23.45 10.92 3.20
C ASP A 33 -22.75 11.47 4.43
N ILE A 34 -21.56 10.92 4.71
CA ILE A 34 -20.89 11.07 5.99
C ILE A 34 -20.69 12.54 6.43
N PRO A 35 -20.03 13.37 5.61
CA PRO A 35 -19.77 14.75 6.06
C PRO A 35 -20.95 15.71 5.96
N ALA A 36 -21.97 15.39 5.18
CA ALA A 36 -23.20 16.18 5.19
C ALA A 36 -24.04 15.81 6.41
N LYS A 37 -23.59 14.79 7.15
CA LYS A 37 -24.29 14.27 8.33
C LYS A 37 -25.69 13.80 7.98
N LYS A 38 -25.86 13.20 6.80
CA LYS A 38 -27.20 12.81 6.37
C LYS A 38 -27.41 11.31 6.37
N VAL A 39 -28.58 10.90 6.82
CA VAL A 39 -29.09 9.57 6.53
C VAL A 39 -30.18 9.76 5.47
N CYS A 40 -30.08 8.99 4.39
CA CYS A 40 -30.97 9.13 3.24
C CYS A 40 -31.69 7.84 2.94
N ARG A 41 -32.88 7.98 2.34
CA ARG A 41 -33.65 6.82 1.94
C ARG A 41 -34.30 7.09 0.60
N TRP A 42 -33.98 6.27 -0.39
CA TRP A 42 -34.49 6.43 -1.74
C TRP A 42 -35.51 5.36 -2.06
N ASP A 43 -36.74 5.79 -2.36
CA ASP A 43 -37.81 4.87 -2.73
C ASP A 43 -37.63 4.50 -4.20
N SER A 44 -37.34 3.23 -4.45
CA SER A 44 -37.06 2.78 -5.82
C SER A 44 -38.25 2.86 -6.78
N PHE A 45 -39.47 2.98 -6.27
CA PHE A 45 -40.64 3.08 -7.16
C PHE A 45 -41.01 4.52 -7.48
N THR A 46 -41.13 5.35 -6.45
CA THR A 46 -41.53 6.74 -6.66
C THR A 46 -40.35 7.61 -7.03
N LYS A 47 -39.13 7.10 -6.82
CA LYS A 47 -37.86 7.81 -7.08
C LYS A 47 -37.58 8.97 -6.13
N GLN A 48 -38.34 9.04 -5.04
CA GLN A 48 -38.18 10.15 -4.10
C GLN A 48 -37.18 9.81 -3.00
N VAL A 49 -36.50 10.83 -2.48
CA VAL A 49 -35.53 10.60 -1.42
C VAL A 49 -35.82 11.48 -0.20
N GLN A 50 -35.77 10.87 0.97
CA GLN A 50 -35.89 11.60 2.23
C GLN A 50 -34.52 11.62 2.86
N ARG A 51 -34.17 12.75 3.48
CA ARG A 51 -32.87 12.90 4.08
C ARG A 51 -33.08 13.48 5.46
N VAL A 52 -32.46 12.89 6.48
CA VAL A 52 -32.49 13.48 7.81
C VAL A 52 -31.09 13.91 8.19
N THR A 53 -30.98 15.10 8.76
CA THR A 53 -29.67 15.67 9.06
C THR A 53 -29.37 15.53 10.55
N MET A 54 -28.19 15.00 10.85
CA MET A 54 -27.77 14.79 12.24
C MET A 54 -26.84 15.91 12.67
N ASP A 55 -26.20 15.74 13.82
CA ASP A 55 -25.36 16.78 14.39
C ASP A 55 -23.87 16.45 14.39
N ALA A 56 -23.52 15.27 13.89
CA ALA A 56 -22.12 14.88 13.71
C ALA A 56 -22.07 13.97 12.47
N PRO A 57 -20.87 13.68 11.95
CA PRO A 57 -20.72 12.73 10.83
C PRO A 57 -21.42 11.39 11.10
N VAL A 58 -22.25 10.93 10.18
CA VAL A 58 -22.92 9.64 10.36
C VAL A 58 -22.32 8.64 9.37
N SER A 59 -21.68 7.61 9.89
CA SER A 59 -20.86 6.78 8.99
C SER A 59 -21.53 5.50 8.52
N SER A 60 -22.59 5.09 9.22
CA SER A 60 -23.33 3.89 8.81
C SER A 60 -24.74 3.94 9.37
N VAL A 61 -25.62 3.13 8.79
CA VAL A 61 -27.01 3.05 9.23
C VAL A 61 -27.42 1.60 9.09
N ALA A 62 -28.34 1.12 9.92
CA ALA A 62 -28.80 -0.25 9.79
C ALA A 62 -30.23 -0.37 10.25
N LEU A 63 -30.88 -1.46 9.86
CA LEU A 63 -32.24 -1.75 10.28
C LEU A 63 -32.28 -2.10 11.76
N ARG A 64 -33.40 -1.81 12.41
CA ARG A 64 -33.63 -2.19 13.80
C ARG A 64 -34.97 -2.91 13.90
N GLN A 65 -34.96 -4.13 14.39
CA GLN A 65 -36.14 -4.99 14.34
C GLN A 65 -37.32 -4.42 15.09
N SER A 66 -37.06 -3.66 16.15
CA SER A 66 -38.15 -3.13 16.97
C SER A 66 -38.76 -1.86 16.36
N GLY A 67 -38.13 -1.36 15.29
CA GLY A 67 -38.64 -0.18 14.61
C GLY A 67 -37.59 0.91 14.46
N GLY A 68 -37.68 1.65 13.36
CA GLY A 68 -36.71 2.70 13.10
C GLY A 68 -35.38 2.08 12.74
N TYR A 69 -34.31 2.82 13.00
CA TYR A 69 -32.98 2.45 12.52
C TYR A 69 -31.96 2.61 13.64
N VAL A 70 -30.78 2.04 13.45
CA VAL A 70 -29.65 2.40 14.30
C VAL A 70 -28.58 3.00 13.40
N ALA A 71 -27.68 3.79 13.98
CA ALA A 71 -26.65 4.42 13.18
C ALA A 71 -25.40 4.67 14.00
N THR A 72 -24.29 4.88 13.32
CA THR A 72 -23.06 5.29 13.99
C THR A 72 -22.85 6.77 13.69
N ILE A 73 -22.87 7.59 14.73
CA ILE A 73 -22.77 9.04 14.58
C ILE A 73 -21.63 9.49 15.48
N GLY A 74 -20.58 10.06 14.91
CA GLY A 74 -19.36 10.35 15.66
C GLY A 74 -18.79 9.05 16.19
N THR A 75 -18.51 9.00 17.49
CA THR A 75 -18.11 7.75 18.12
C THR A 75 -19.25 7.13 18.93
N LYS A 76 -20.48 7.36 18.50
CA LYS A 76 -21.64 6.91 19.28
C LYS A 76 -22.53 5.96 18.49
N PHE A 77 -22.89 4.84 19.11
CA PHE A 77 -23.94 3.98 18.59
C PHE A 77 -25.24 4.67 18.94
N CYS A 78 -26.10 4.95 17.95
CA CYS A 78 -27.37 5.65 18.22
C CYS A 78 -28.60 4.96 17.68
N ALA A 79 -29.72 5.16 18.35
CA ALA A 79 -31.00 4.77 17.79
C ALA A 79 -31.53 5.97 17.03
N LEU A 80 -32.06 5.72 15.84
CA LEU A 80 -32.55 6.79 14.99
C LEU A 80 -34.07 6.73 14.85
N ASN A 81 -34.74 7.75 15.39
CA ASN A 81 -36.17 7.90 15.17
C ASN A 81 -36.38 8.68 13.87
N TRP A 82 -36.79 7.96 12.83
CA TRP A 82 -36.92 8.54 11.50
C TRP A 82 -38.07 9.55 11.47
N LYS A 83 -39.19 9.15 12.09
CA LYS A 83 -40.40 9.97 12.13
C LYS A 83 -40.18 11.28 12.86
N GLU A 84 -39.27 11.29 13.82
CA GLU A 84 -39.05 12.45 14.66
C GLU A 84 -37.69 13.10 14.43
N GLN A 85 -36.90 12.53 13.52
CA GLN A 85 -35.56 13.01 13.20
C GLN A 85 -34.65 13.04 14.42
N SER A 86 -34.88 12.11 15.35
CA SER A 86 -34.21 12.11 16.64
C SER A 86 -33.19 10.97 16.78
N ALA A 87 -32.12 11.23 17.53
CA ALA A 87 -31.13 10.20 17.82
C ALA A 87 -30.85 10.11 19.31
N VAL A 88 -31.08 8.93 19.88
CA VAL A 88 -30.75 8.68 21.27
C VAL A 88 -29.48 7.84 21.32
N VAL A 89 -28.54 8.21 22.18
CA VAL A 89 -27.28 7.47 22.30
C VAL A 89 -27.51 6.15 23.04
N LEU A 90 -27.06 5.05 22.44
CA LEU A 90 -27.20 3.74 23.05
C LEU A 90 -25.93 3.38 23.80
N ALA A 91 -24.80 3.79 23.23
CA ALA A 91 -23.47 3.55 23.79
C ALA A 91 -22.44 4.42 23.06
N THR A 92 -21.28 4.61 23.69
CA THR A 92 -20.20 5.41 23.13
C THR A 92 -18.89 4.63 23.19
N VAL A 93 -17.99 4.89 22.25
CA VAL A 93 -16.68 4.25 22.28
C VAL A 93 -15.58 5.28 22.08
N ASP A 94 -14.33 4.85 22.26
CA ASP A 94 -13.18 5.71 21.98
C ASP A 94 -13.26 7.07 22.66
N ASN A 95 -13.70 7.08 23.92
CA ASN A 95 -13.79 8.32 24.66
C ASN A 95 -12.41 8.94 24.85
N ASP A 96 -11.41 8.07 24.90
CA ASP A 96 -10.02 8.45 25.12
C ASP A 96 -9.31 8.91 23.85
N LYS A 97 -10.04 9.12 22.76
CA LYS A 97 -9.38 9.56 21.54
C LYS A 97 -9.64 11.02 21.21
N LYS A 98 -8.55 11.71 20.88
CA LYS A 98 -8.55 13.12 20.50
C LYS A 98 -9.65 13.39 19.50
N ASN A 99 -9.69 12.60 18.43
CA ASN A 99 -10.65 12.82 17.36
C ASN A 99 -10.82 11.60 16.45
N ASN A 100 -11.49 10.58 16.97
CA ASN A 100 -11.90 9.44 16.16
C ASN A 100 -13.34 9.61 15.70
N ARG A 101 -13.77 8.75 14.78
CA ARG A 101 -15.16 8.62 14.44
C ARG A 101 -15.40 7.18 14.00
N PHE A 102 -16.62 6.70 14.11
CA PHE A 102 -16.93 5.40 13.55
C PHE A 102 -16.77 5.49 12.04
N ASN A 103 -16.50 4.35 11.41
CA ASN A 103 -16.53 4.27 9.95
C ASN A 103 -17.54 3.21 9.49
N ASP A 104 -17.10 2.19 8.77
CA ASP A 104 -18.09 1.23 8.25
C ASP A 104 -18.72 0.34 9.36
N GLY A 105 -20.00 0.02 9.20
CA GLY A 105 -20.69 -0.83 10.16
C GLY A 105 -21.73 -1.71 9.50
N LYS A 106 -22.04 -2.85 10.13
CA LYS A 106 -23.04 -3.79 9.61
C LYS A 106 -23.60 -4.71 10.72
N VAL A 107 -24.84 -5.16 10.58
CA VAL A 107 -25.41 -6.05 11.60
C VAL A 107 -25.07 -7.50 11.30
N ASP A 108 -24.65 -8.26 12.33
CA ASP A 108 -24.26 -9.66 12.17
C ASP A 108 -25.50 -10.58 12.15
N PRO A 109 -25.30 -11.88 11.87
CA PRO A 109 -26.47 -12.76 11.74
C PRO A 109 -27.28 -12.97 13.01
N ALA A 110 -26.77 -12.52 14.15
CA ALA A 110 -27.52 -12.65 15.40
C ALA A 110 -27.97 -11.28 15.91
N GLY A 111 -27.93 -10.29 15.04
CA GLY A 111 -28.46 -8.98 15.40
C GLY A 111 -27.57 -8.08 16.22
N ARG A 112 -26.26 -8.33 16.19
CA ARG A 112 -25.31 -7.41 16.82
C ARG A 112 -24.78 -6.39 15.80
N TYR A 113 -24.71 -5.12 16.20
CA TYR A 113 -24.24 -4.05 15.31
C TYR A 113 -22.72 -3.92 15.39
N PHE A 114 -22.01 -4.48 14.40
CA PHE A 114 -20.55 -4.32 14.33
C PHE A 114 -20.20 -2.98 13.68
N ALA A 115 -19.19 -2.29 14.23
CA ALA A 115 -18.74 -1.04 13.63
C ALA A 115 -17.35 -0.77 14.14
N GLY A 116 -16.49 -0.29 13.26
CA GLY A 116 -15.14 0.02 13.68
C GLY A 116 -14.84 1.49 13.55
N THR A 117 -13.75 1.92 14.19
CA THR A 117 -13.40 3.33 14.23
C THR A 117 -12.11 3.63 13.47
N MET A 118 -11.74 4.90 13.47
CA MET A 118 -10.49 5.37 12.88
C MET A 118 -10.31 6.83 13.29
N ALA A 119 -9.13 7.38 13.05
CA ALA A 119 -8.92 8.81 13.24
C ALA A 119 -9.60 9.59 12.12
N GLU A 120 -10.09 10.78 12.43
CA GLU A 120 -10.74 11.62 11.43
C GLU A 120 -9.72 12.28 10.52
N GLU A 121 -9.81 12.00 9.22
CA GLU A 121 -8.92 12.59 8.23
C GLU A 121 -8.89 14.12 8.36
N THR A 122 -7.73 14.65 8.76
CA THR A 122 -7.54 16.09 8.88
C THR A 122 -7.52 16.70 7.50
N ALA A 123 -7.15 15.87 6.54
CA ALA A 123 -6.91 16.28 5.17
C ALA A 123 -7.12 15.04 4.32
N PRO A 124 -7.86 15.18 3.22
CA PRO A 124 -8.04 14.07 2.27
C PRO A 124 -6.73 13.82 1.51
N ALA A 125 -6.02 12.71 1.76
CA ALA A 125 -6.43 11.67 2.71
C ALA A 125 -5.31 11.40 3.73
N VAL A 126 -5.19 12.26 4.74
CA VAL A 126 -4.18 12.06 5.79
C VAL A 126 -4.84 11.92 7.16
N LEU A 127 -4.32 10.96 7.93
CA LEU A 127 -4.96 10.53 9.16
C LEU A 127 -3.96 9.82 10.07
N GLU A 128 -4.11 10.03 11.38
CA GLU A 128 -3.26 9.39 12.36
C GLU A 128 -3.38 7.86 12.26
N ARG A 129 -2.25 7.17 12.35
CA ARG A 129 -2.23 5.73 12.15
C ARG A 129 -2.69 4.92 13.38
N HIS A 130 -3.40 3.83 13.11
CA HIS A 130 -3.67 2.79 14.10
C HIS A 130 -4.42 3.29 15.32
N GLN A 131 -5.36 4.20 15.09
CA GLN A 131 -6.13 4.83 16.16
C GLN A 131 -7.52 4.23 16.28
N GLY A 132 -7.82 3.23 15.46
CA GLY A 132 -9.15 2.66 15.41
C GLY A 132 -9.25 1.32 16.11
N ALA A 133 -10.47 0.82 16.24
CA ALA A 133 -10.70 -0.49 16.81
C ALA A 133 -12.04 -1.00 16.28
N LEU A 134 -12.25 -2.31 16.33
CA LEU A 134 -13.51 -2.87 15.93
C LEU A 134 -14.37 -3.21 17.15
N TYR A 135 -15.63 -2.75 17.12
CA TYR A 135 -16.54 -2.95 18.22
C TYR A 135 -17.80 -3.66 17.74
N SER A 136 -18.58 -4.15 18.69
CA SER A 136 -19.93 -4.57 18.37
C SER A 136 -20.87 -4.19 19.48
N LEU A 137 -22.05 -3.72 19.07
CA LEU A 137 -23.10 -3.41 20.02
C LEU A 137 -24.00 -4.64 20.10
N PHE A 138 -24.04 -5.26 21.28
CA PHE A 138 -24.91 -6.41 21.50
C PHE A 138 -26.35 -5.96 21.73
N PRO A 139 -27.31 -6.87 21.56
CA PRO A 139 -28.72 -6.56 21.81
C PRO A 139 -28.97 -6.00 23.21
N ASP A 140 -28.17 -6.45 24.19
CA ASP A 140 -28.32 -5.94 25.55
C ASP A 140 -27.60 -4.60 25.79
N HIS A 141 -27.17 -3.95 24.69
CA HIS A 141 -26.54 -2.61 24.74
C HIS A 141 -25.11 -2.60 25.30
N HIS A 142 -24.59 -3.78 25.61
CA HIS A 142 -23.19 -3.94 26.01
C HIS A 142 -22.31 -3.81 24.76
N VAL A 143 -21.16 -3.15 24.88
CA VAL A 143 -20.23 -3.05 23.74
C VAL A 143 -19.00 -3.93 23.94
N LYS A 144 -18.67 -4.74 22.93
CA LYS A 144 -17.45 -5.53 22.99
C LYS A 144 -16.39 -4.92 22.09
N LYS A 145 -15.15 -4.89 22.58
CA LYS A 145 -14.02 -4.45 21.77
C LYS A 145 -13.20 -5.67 21.34
N TYR A 146 -12.99 -5.81 20.03
CA TYR A 146 -12.41 -7.02 19.46
C TYR A 146 -10.91 -6.98 19.28
N PHE A 147 -10.43 -5.87 18.74
CA PHE A 147 -9.00 -5.62 18.54
C PHE A 147 -8.85 -4.14 18.26
N ASP A 148 -7.65 -3.61 18.44
CA ASP A 148 -7.39 -2.24 18.05
C ASP A 148 -6.25 -2.22 17.03
N GLN A 149 -5.52 -1.11 16.97
CA GLN A 149 -4.43 -0.94 16.00
C GLN A 149 -4.95 -0.89 14.57
N VAL A 150 -6.20 -0.47 14.43
CA VAL A 150 -6.82 -0.34 13.12
C VAL A 150 -6.54 1.03 12.51
N ASP A 151 -6.19 1.05 11.23
CA ASP A 151 -6.04 2.30 10.51
C ASP A 151 -7.39 2.88 10.09
N ILE A 152 -8.09 2.15 9.23
CA ILE A 152 -9.37 2.60 8.70
C ILE A 152 -10.29 1.40 8.61
N SER A 153 -11.17 1.26 9.60
CA SER A 153 -12.08 0.13 9.67
C SER A 153 -13.07 0.27 8.54
N ASN A 154 -13.04 -0.66 7.59
CA ASN A 154 -13.97 -0.56 6.48
C ASN A 154 -14.87 -1.78 6.33
N GLY A 155 -14.95 -2.31 5.11
CA GLY A 155 -15.89 -3.38 4.79
C GLY A 155 -15.88 -4.61 5.67
N LEU A 156 -17.05 -5.19 5.86
CA LEU A 156 -17.18 -6.37 6.70
C LEU A 156 -18.44 -7.16 6.35
N ASP A 157 -18.38 -8.48 6.49
CA ASP A 157 -19.57 -9.32 6.32
C ASP A 157 -19.30 -10.71 6.90
N TRP A 158 -20.28 -11.61 6.79
CA TRP A 158 -20.18 -12.94 7.40
C TRP A 158 -20.50 -14.03 6.38
N SER A 159 -19.85 -15.20 6.53
CA SER A 159 -20.13 -16.34 5.67
C SER A 159 -21.57 -16.85 5.89
N LEU A 160 -22.07 -17.59 4.91
CA LEU A 160 -23.46 -18.03 4.90
C LEU A 160 -23.77 -19.10 5.94
N ASP A 161 -22.75 -19.86 6.34
CA ASP A 161 -22.92 -20.85 7.41
C ASP A 161 -22.65 -20.24 8.78
N HIS A 162 -22.46 -18.93 8.79
CA HIS A 162 -22.28 -18.16 10.02
C HIS A 162 -21.10 -18.62 10.88
N LYS A 163 -20.05 -19.08 10.20
CA LYS A 163 -18.86 -19.56 10.88
C LYS A 163 -17.60 -18.75 10.54
N ILE A 164 -17.72 -17.75 9.68
CA ILE A 164 -16.56 -16.93 9.28
C ILE A 164 -16.94 -15.45 9.20
N PHE A 165 -16.05 -14.58 9.68
CA PHE A 165 -16.23 -13.13 9.62
C PHE A 165 -15.14 -12.54 8.74
N TYR A 166 -15.56 -11.81 7.71
CA TYR A 166 -14.62 -11.17 6.80
C TYR A 166 -14.50 -9.68 7.12
N TYR A 167 -13.28 -9.14 7.02
CA TYR A 167 -13.01 -7.78 7.50
C TYR A 167 -11.92 -7.04 6.70
N ILE A 168 -12.17 -5.76 6.42
CA ILE A 168 -11.20 -4.90 5.75
C ILE A 168 -10.73 -3.73 6.62
N ASP A 169 -9.44 -3.70 6.91
CA ASP A 169 -8.78 -2.48 7.38
C ASP A 169 -8.10 -1.97 6.13
N SER A 170 -8.53 -0.82 5.62
CA SER A 170 -8.16 -0.39 4.28
C SER A 170 -6.66 -0.32 4.02
N LEU A 171 -5.90 0.15 5.01
CA LEU A 171 -4.45 0.29 4.81
C LEU A 171 -3.68 -1.01 4.93
N SER A 172 -4.39 -2.13 5.09
CA SER A 172 -3.74 -3.43 4.97
C SER A 172 -3.81 -3.91 3.51
N TYR A 173 -4.62 -3.21 2.71
CA TYR A 173 -4.88 -3.56 1.31
C TYR A 173 -5.19 -5.04 1.15
N SER A 174 -5.85 -5.55 2.16
CA SER A 174 -6.15 -6.96 2.25
C SER A 174 -7.53 -7.17 2.83
N VAL A 175 -8.17 -8.25 2.40
CA VAL A 175 -9.39 -8.72 3.00
C VAL A 175 -9.03 -9.86 3.96
N ASP A 176 -9.37 -9.70 5.23
CA ASP A 176 -9.03 -10.73 6.23
C ASP A 176 -10.22 -11.58 6.65
N ALA A 177 -9.92 -12.75 7.21
CA ALA A 177 -10.97 -13.61 7.77
C ALA A 177 -10.65 -14.05 9.20
N PHE A 178 -11.71 -14.22 9.98
CA PHE A 178 -11.64 -14.75 11.34
C PHE A 178 -12.64 -15.89 11.48
N ASP A 179 -12.31 -16.87 12.33
CA ASP A 179 -13.33 -17.78 12.80
C ASP A 179 -14.34 -16.98 13.60
N TYR A 180 -15.61 -17.33 13.48
CA TYR A 180 -16.68 -16.57 14.11
C TYR A 180 -17.70 -17.49 14.73
N ASP A 181 -18.12 -17.14 15.95
CA ASP A 181 -19.10 -17.91 16.69
C ASP A 181 -20.42 -17.14 16.78
N LEU A 182 -21.44 -17.68 16.12
CA LEU A 182 -22.75 -17.04 16.06
C LEU A 182 -23.38 -16.82 17.44
N GLN A 183 -23.23 -17.82 18.31
CA GLN A 183 -23.87 -17.77 19.63
C GLN A 183 -23.27 -16.73 20.58
N THR A 184 -21.97 -16.42 20.41
CA THR A 184 -21.29 -15.49 21.31
C THR A 184 -20.82 -14.18 20.67
N GLY A 185 -20.79 -14.14 19.35
CA GLY A 185 -20.28 -12.95 18.66
C GLY A 185 -18.76 -12.85 18.73
N GLN A 186 -18.11 -13.93 19.14
CA GLN A 186 -16.65 -13.91 19.28
C GLN A 186 -15.94 -14.26 17.98
N ILE A 187 -14.77 -13.67 17.77
CA ILE A 187 -13.97 -13.98 16.59
C ILE A 187 -12.53 -14.26 17.00
N SER A 188 -11.81 -14.96 16.13
CA SER A 188 -10.42 -15.29 16.44
C SER A 188 -9.65 -15.66 15.19
N ASN A 189 -8.33 -15.73 15.33
CA ASN A 189 -7.46 -16.31 14.31
C ASN A 189 -7.52 -15.59 12.97
N ARG A 190 -7.11 -14.32 12.99
CA ARG A 190 -7.10 -13.50 11.80
C ARG A 190 -6.11 -14.04 10.77
N ARG A 191 -6.59 -14.22 9.54
CA ARG A 191 -5.73 -14.59 8.43
C ARG A 191 -6.15 -13.83 7.18
N SER A 192 -5.20 -13.57 6.30
CA SER A 192 -5.46 -12.85 5.06
C SER A 192 -6.06 -13.80 4.02
N VAL A 193 -7.08 -13.35 3.30
CA VAL A 193 -7.71 -14.19 2.27
C VAL A 193 -7.46 -13.66 0.86
N TYR A 194 -7.25 -12.36 0.75
CA TYR A 194 -7.02 -11.75 -0.56
C TYR A 194 -6.26 -10.44 -0.41
N LYS A 195 -5.11 -10.37 -1.07
CA LYS A 195 -4.34 -9.13 -1.13
C LYS A 195 -4.61 -8.47 -2.47
N LEU A 196 -5.01 -7.21 -2.42
CA LEU A 196 -5.38 -6.48 -3.63
C LEU A 196 -4.22 -6.27 -4.58
N GLU A 197 -4.50 -6.35 -5.87
CA GLU A 197 -3.52 -5.98 -6.88
C GLU A 197 -3.41 -4.46 -6.87
N LYS A 198 -2.37 -3.94 -7.53
CA LYS A 198 -2.07 -2.50 -7.50
C LYS A 198 -3.14 -1.66 -8.19
N GLU A 199 -3.77 -2.21 -9.22
CA GLU A 199 -4.79 -1.47 -9.95
C GLU A 199 -6.12 -1.45 -9.18
N GLU A 200 -6.25 -2.34 -8.21
CA GLU A 200 -7.46 -2.42 -7.39
C GLU A 200 -7.42 -1.39 -6.26
N GLN A 201 -6.26 -0.76 -6.08
CA GLN A 201 -6.10 0.36 -5.14
C GLN A 201 -6.56 0.02 -3.71
N ILE A 202 -7.43 0.85 -3.13
CA ILE A 202 -7.79 0.75 -1.70
C ILE A 202 -9.12 0.03 -1.45
N PRO A 203 -9.06 -1.13 -0.74
CA PRO A 203 -10.29 -1.88 -0.49
C PRO A 203 -11.15 -1.09 0.49
N ASP A 204 -12.44 -0.97 0.21
CA ASP A 204 -13.33 -0.11 0.97
C ASP A 204 -14.50 -0.96 1.47
N GLY A 205 -15.70 -0.71 0.96
CA GLY A 205 -16.87 -1.47 1.39
C GLY A 205 -16.91 -2.89 0.84
N MET A 206 -17.68 -3.77 1.47
CA MET A 206 -17.72 -5.18 1.09
C MET A 206 -19.08 -5.81 1.42
N CYS A 207 -19.56 -6.70 0.55
CA CYS A 207 -20.73 -7.52 0.88
C CYS A 207 -20.56 -8.93 0.35
N ILE A 208 -21.32 -9.87 0.90
CA ILE A 208 -21.24 -11.25 0.47
C ILE A 208 -22.43 -11.55 -0.45
N ASP A 209 -22.26 -12.53 -1.33
CA ASP A 209 -23.39 -12.97 -2.16
C ASP A 209 -23.91 -14.36 -1.77
N ALA A 210 -25.01 -14.76 -2.42
CA ALA A 210 -25.70 -16.00 -2.11
C ALA A 210 -24.90 -17.26 -2.41
N GLU A 211 -23.77 -17.09 -3.11
CA GLU A 211 -22.88 -18.21 -3.41
C GLU A 211 -21.66 -18.24 -2.48
N GLY A 212 -21.65 -17.31 -1.53
CA GLY A 212 -20.55 -17.22 -0.59
C GLY A 212 -19.36 -16.42 -1.05
N LYS A 213 -19.46 -15.76 -2.20
CA LYS A 213 -18.34 -14.96 -2.68
C LYS A 213 -18.45 -13.52 -2.16
N LEU A 214 -17.32 -12.81 -2.14
CA LEU A 214 -17.25 -11.46 -1.60
C LEU A 214 -17.12 -10.42 -2.70
N TRP A 215 -17.92 -9.36 -2.60
CA TRP A 215 -17.84 -8.22 -3.49
C TRP A 215 -17.22 -7.02 -2.79
N VAL A 216 -16.11 -6.52 -3.31
CA VAL A 216 -15.37 -5.44 -2.66
C VAL A 216 -15.30 -4.18 -3.51
N ALA A 217 -15.76 -3.07 -2.94
CA ALA A 217 -15.64 -1.78 -3.61
C ALA A 217 -14.20 -1.26 -3.50
N CYS A 218 -13.62 -0.89 -4.64
CA CYS A 218 -12.24 -0.44 -4.67
C CYS A 218 -12.16 1.07 -4.78
N TYR A 219 -11.85 1.74 -3.67
CA TYR A 219 -11.79 3.20 -3.64
C TYR A 219 -10.61 3.69 -4.48
N ASN A 220 -10.92 4.50 -5.50
CA ASN A 220 -9.99 4.98 -6.54
C ASN A 220 -9.68 3.97 -7.65
N GLY A 221 -10.24 2.77 -7.52
CA GLY A 221 -10.09 1.76 -8.54
C GLY A 221 -11.25 1.72 -9.51
N GLY A 222 -12.27 2.52 -9.22
CA GLY A 222 -13.45 2.62 -10.07
C GLY A 222 -14.03 1.26 -10.42
N ARG A 223 -14.21 0.41 -9.42
CA ARG A 223 -14.65 -0.95 -9.67
C ARG A 223 -15.11 -1.63 -8.39
N VAL A 224 -15.87 -2.70 -8.57
CA VAL A 224 -16.04 -3.67 -7.51
C VAL A 224 -15.44 -4.97 -8.04
N ILE A 225 -14.82 -5.73 -7.14
CA ILE A 225 -14.26 -7.03 -7.50
C ILE A 225 -14.95 -8.15 -6.73
N ARG A 226 -15.12 -9.29 -7.38
CA ARG A 226 -15.70 -10.47 -6.75
C ARG A 226 -14.58 -11.43 -6.35
N LEU A 227 -14.61 -11.89 -5.10
CA LEU A 227 -13.53 -12.72 -4.54
C LEU A 227 -14.04 -14.07 -4.07
N ASP A 228 -13.26 -15.13 -4.30
CA ASP A 228 -13.56 -16.45 -3.75
C ASP A 228 -12.72 -16.65 -2.50
N PRO A 229 -13.34 -16.61 -1.31
CA PRO A 229 -12.53 -16.67 -0.09
C PRO A 229 -11.93 -18.04 0.22
N VAL A 230 -12.44 -19.09 -0.41
CA VAL A 230 -11.95 -20.44 -0.16
C VAL A 230 -10.70 -20.72 -0.96
N THR A 231 -10.68 -20.25 -2.20
CA THR A 231 -9.53 -20.42 -3.09
C THR A 231 -8.58 -19.23 -3.01
N GLY A 232 -9.11 -18.07 -2.63
CA GLY A 232 -8.28 -16.87 -2.53
C GLY A 232 -8.11 -16.13 -3.84
N LYS A 233 -8.86 -16.53 -4.87
CA LYS A 233 -8.73 -15.91 -6.18
C LYS A 233 -9.82 -14.88 -6.46
N ARG A 234 -9.48 -13.86 -7.24
CA ARG A 234 -10.48 -12.93 -7.75
C ARG A 234 -11.23 -13.61 -8.90
N LEU A 235 -12.56 -13.51 -8.87
CA LEU A 235 -13.41 -14.19 -9.84
C LEU A 235 -13.81 -13.29 -11.01
N GLN A 236 -13.94 -11.99 -10.73
CA GLN A 236 -14.55 -11.07 -11.67
C GLN A 236 -14.24 -9.61 -11.29
N THR A 237 -14.13 -8.75 -12.30
CA THR A 237 -14.00 -7.31 -12.09
C THR A 237 -15.11 -6.57 -12.83
N VAL A 238 -15.80 -5.68 -12.12
CA VAL A 238 -16.86 -4.90 -12.72
C VAL A 238 -16.52 -3.42 -12.65
N LYS A 239 -16.30 -2.79 -13.80
CA LYS A 239 -15.85 -1.39 -13.82
C LYS A 239 -16.99 -0.40 -13.87
N LEU A 240 -16.84 0.69 -13.12
CA LEU A 240 -17.87 1.70 -13.03
C LEU A 240 -17.39 3.03 -13.59
N PRO A 241 -18.31 3.90 -14.01
CA PRO A 241 -18.00 5.21 -14.58
C PRO A 241 -17.35 6.20 -13.62
N VAL A 242 -17.17 5.83 -12.36
CA VAL A 242 -16.58 6.74 -11.37
C VAL A 242 -15.49 6.03 -10.59
N ASP A 243 -14.44 6.76 -10.24
CA ASP A 243 -13.27 6.13 -9.62
C ASP A 243 -13.45 5.87 -8.13
N LYS A 244 -14.13 6.79 -7.44
CA LYS A 244 -14.22 6.73 -5.99
C LYS A 244 -15.40 5.90 -5.49
N THR A 245 -15.51 4.69 -6.02
CA THR A 245 -16.47 3.68 -5.55
C THR A 245 -16.17 3.35 -4.07
N THR A 246 -17.19 3.41 -3.22
CA THR A 246 -16.98 3.29 -1.77
C THR A 246 -17.54 2.01 -1.15
N SER A 247 -18.73 1.62 -1.55
CA SER A 247 -19.32 0.42 -0.94
C SER A 247 -20.35 -0.19 -1.86
N CYS A 248 -20.89 -1.33 -1.44
CA CYS A 248 -21.86 -2.03 -2.26
C CYS A 248 -22.74 -2.94 -1.45
N CYS A 249 -23.95 -3.16 -1.95
CA CYS A 249 -24.86 -4.12 -1.35
C CYS A 249 -25.75 -4.64 -2.46
N PHE A 250 -26.51 -5.68 -2.17
CA PHE A 250 -27.52 -6.16 -3.10
C PHE A 250 -28.92 -5.70 -2.67
N GLY A 251 -29.81 -5.59 -3.65
CA GLY A 251 -31.14 -5.10 -3.39
C GLY A 251 -32.04 -5.46 -4.55
N GLY A 252 -33.19 -4.81 -4.65
CA GLY A 252 -34.14 -5.13 -5.69
C GLY A 252 -34.78 -6.48 -5.42
N LYS A 253 -35.49 -7.00 -6.41
CA LYS A 253 -36.33 -8.19 -6.22
C LYS A 253 -35.49 -9.41 -5.87
N ASN A 254 -35.73 -9.97 -4.68
CA ASN A 254 -34.97 -11.10 -4.18
C ASN A 254 -33.45 -10.90 -4.27
N TYR A 255 -33.02 -9.65 -4.09
CA TYR A 255 -31.59 -9.31 -4.00
C TYR A 255 -30.78 -9.57 -5.27
N SER A 256 -31.40 -9.34 -6.41
CA SER A 256 -30.77 -9.66 -7.68
C SER A 256 -30.07 -8.48 -8.34
N GLU A 257 -30.08 -7.31 -7.70
CA GLU A 257 -29.41 -6.13 -8.26
C GLU A 257 -28.35 -5.63 -7.28
N MET A 258 -27.29 -5.00 -7.78
CA MET A 258 -26.28 -4.46 -6.88
C MET A 258 -26.36 -2.95 -6.88
N TYR A 259 -26.33 -2.35 -5.69
CA TYR A 259 -26.24 -0.91 -5.54
C TYR A 259 -24.84 -0.53 -5.10
N VAL A 260 -24.27 0.50 -5.72
CA VAL A 260 -22.91 0.92 -5.41
C VAL A 260 -22.91 2.41 -5.07
N THR A 261 -22.27 2.77 -3.95
CA THR A 261 -22.16 4.16 -3.55
C THR A 261 -20.80 4.69 -3.97
N CYS A 262 -20.66 6.01 -4.00
CA CYS A 262 -19.34 6.59 -4.26
C CYS A 262 -19.22 8.00 -3.70
N ALA A 263 -18.09 8.65 -3.93
CA ALA A 263 -17.79 9.92 -3.28
C ALA A 263 -17.37 11.00 -4.28
N ARG A 264 -17.76 12.24 -3.99
CA ARG A 264 -17.36 13.41 -4.77
C ARG A 264 -16.18 14.12 -4.13
N ASP A 265 -16.10 14.06 -2.80
CA ASP A 265 -15.00 14.70 -2.06
C ASP A 265 -13.63 14.25 -2.56
N GLY A 266 -12.72 15.22 -2.71
CA GLY A 266 -11.38 14.93 -3.16
C GLY A 266 -11.23 14.81 -4.66
N MET A 267 -12.27 15.17 -5.40
CA MET A 267 -12.18 15.21 -6.86
C MET A 267 -11.66 16.57 -7.32
N ASP A 268 -10.91 16.57 -8.41
CA ASP A 268 -10.46 17.81 -9.04
C ASP A 268 -11.54 18.33 -10.00
N PRO A 269 -11.49 19.63 -10.37
CA PRO A 269 -12.43 20.23 -11.34
C PRO A 269 -12.55 19.41 -12.61
N GLU A 270 -11.42 18.85 -13.04
CA GLU A 270 -11.34 18.10 -14.28
C GLU A 270 -12.15 16.81 -14.24
N GLY A 271 -11.74 15.89 -13.36
CA GLY A 271 -12.42 14.62 -13.19
C GLY A 271 -13.93 14.76 -13.01
N LEU A 272 -14.34 15.87 -12.40
CA LEU A 272 -15.76 16.19 -12.26
C LEU A 272 -16.45 16.37 -13.59
N LEU A 273 -15.70 16.84 -14.60
CA LEU A 273 -16.24 16.98 -15.94
C LEU A 273 -16.10 15.66 -16.70
N ARG A 274 -15.16 14.84 -16.26
CA ARG A 274 -15.01 13.50 -16.82
C ARG A 274 -16.00 12.54 -16.17
N GLN A 275 -16.33 12.81 -14.90
CA GLN A 275 -17.25 11.97 -14.13
C GLN A 275 -18.31 12.82 -13.44
N PRO A 276 -19.28 13.35 -14.20
CA PRO A 276 -20.24 14.28 -13.61
C PRO A 276 -21.17 13.58 -12.64
N GLU A 277 -21.28 12.26 -12.78
CA GLU A 277 -22.14 11.42 -11.96
C GLU A 277 -21.52 11.05 -10.61
N ALA A 278 -20.34 11.61 -10.33
CA ALA A 278 -19.60 11.25 -9.11
C ALA A 278 -20.42 11.58 -7.85
N GLY A 279 -20.36 10.70 -6.87
CA GLY A 279 -21.14 10.85 -5.65
C GLY A 279 -22.57 10.31 -5.79
N GLY A 280 -22.85 9.70 -6.94
CA GLY A 280 -24.19 9.19 -7.22
C GLY A 280 -24.41 7.79 -6.69
N ILE A 281 -25.65 7.30 -6.82
CA ILE A 281 -25.99 5.93 -6.45
C ILE A 281 -26.09 5.14 -7.75
N PHE A 282 -25.28 4.09 -7.90
CA PHE A 282 -25.30 3.28 -9.12
C PHE A 282 -25.99 1.93 -8.90
N LYS A 283 -26.73 1.50 -9.90
CA LYS A 283 -27.35 0.18 -9.86
C LYS A 283 -26.78 -0.69 -10.97
N ILE A 284 -26.41 -1.93 -10.62
CA ILE A 284 -25.86 -2.88 -11.61
C ILE A 284 -26.81 -4.07 -11.74
N THR A 285 -27.27 -4.34 -12.96
CA THR A 285 -28.20 -5.45 -13.18
C THR A 285 -27.52 -6.46 -14.09
N GLY A 286 -28.00 -7.71 -14.08
CA GLY A 286 -27.48 -8.72 -14.99
C GLY A 286 -26.24 -9.47 -14.52
N LEU A 287 -25.90 -9.33 -13.24
CA LEU A 287 -24.76 -10.06 -12.68
C LEU A 287 -25.01 -11.57 -12.66
N GLY A 288 -26.29 -11.94 -12.55
CA GLY A 288 -26.68 -13.35 -12.54
C GLY A 288 -26.45 -14.00 -11.19
N VAL A 289 -26.06 -13.19 -10.21
CA VAL A 289 -25.89 -13.68 -8.84
C VAL A 289 -26.79 -12.84 -7.94
N LYS A 290 -27.31 -13.44 -6.88
CA LYS A 290 -28.10 -12.70 -5.90
C LYS A 290 -27.27 -12.49 -4.65
N GLY A 291 -27.61 -11.46 -3.88
CA GLY A 291 -26.98 -11.27 -2.59
C GLY A 291 -27.88 -11.86 -1.54
N ILE A 292 -27.75 -11.40 -0.31
CA ILE A 292 -28.60 -11.84 0.78
C ILE A 292 -29.18 -10.61 1.48
N ALA A 293 -30.29 -10.78 2.19
CA ALA A 293 -30.89 -9.68 2.94
C ALA A 293 -29.99 -9.20 4.08
N PRO A 294 -30.06 -7.89 4.41
CA PRO A 294 -29.32 -7.40 5.57
C PRO A 294 -29.97 -7.90 6.85
N TYR A 295 -29.17 -7.98 7.92
CA TYR A 295 -29.69 -8.36 9.23
C TYR A 295 -30.14 -7.10 9.95
N SER A 296 -30.92 -7.28 11.00
N SER A 296 -31.02 -7.24 10.93
CA SER A 296 -31.51 -6.16 11.71
CA SER A 296 -31.51 -6.11 11.70
C SER A 296 -31.05 -6.20 13.16
C SER A 296 -30.99 -6.21 13.13
N TYR A 297 -30.67 -5.04 13.70
CA TYR A 297 -30.24 -4.96 15.08
C TYR A 297 -31.33 -5.45 16.04
N ALA A 298 -30.95 -6.35 16.94
CA ALA A 298 -31.93 -7.02 17.82
C ALA A 298 -32.08 -6.37 19.20
N GLY A 299 -31.55 -5.17 19.38
CA GLY A 299 -31.75 -4.45 20.63
C GLY A 299 -32.51 -3.14 20.45
N SER B 3 26.96 -9.91 -29.06
CA SER B 3 27.29 -9.98 -27.64
C SER B 3 26.08 -9.82 -26.73
N ILE B 4 26.00 -8.67 -26.04
CA ILE B 4 25.18 -8.54 -24.82
C ILE B 4 25.33 -9.81 -23.99
N LYS B 5 26.55 -10.03 -23.49
CA LYS B 5 26.77 -11.16 -22.61
C LYS B 5 26.23 -10.82 -21.23
N ILE B 6 25.52 -11.77 -20.64
CA ILE B 6 25.21 -11.69 -19.21
C ILE B 6 25.87 -12.89 -18.56
N GLU B 7 26.67 -12.61 -17.53
CA GLU B 7 27.44 -13.64 -16.87
C GLU B 7 27.29 -13.52 -15.37
N CYS B 8 27.15 -14.65 -14.69
CA CYS B 8 27.28 -14.67 -13.25
C CYS B 8 28.76 -14.66 -12.93
N VAL B 9 29.23 -13.56 -12.35
CA VAL B 9 30.64 -13.46 -12.01
C VAL B 9 30.92 -13.94 -10.59
N LEU B 10 29.87 -14.02 -9.78
CA LEU B 10 29.99 -14.49 -8.40
C LEU B 10 28.70 -15.18 -7.92
N PRO B 11 28.69 -16.52 -7.83
CA PRO B 11 27.52 -17.29 -7.38
C PRO B 11 27.37 -17.27 -5.87
N GLU B 12 27.11 -16.08 -5.32
CA GLU B 12 27.17 -15.82 -3.89
C GLU B 12 25.94 -16.36 -3.16
N ASN B 13 24.91 -16.70 -3.94
CA ASN B 13 23.64 -17.18 -3.40
C ASN B 13 23.09 -16.28 -2.29
N CYS B 14 23.12 -14.96 -2.51
CA CYS B 14 22.61 -14.03 -1.50
C CYS B 14 21.13 -14.26 -1.23
N ARG B 15 20.74 -14.16 0.03
CA ARG B 15 19.32 -14.15 0.37
C ARG B 15 18.63 -12.92 -0.22
N CYS B 16 19.25 -11.76 -0.07
CA CYS B 16 18.79 -10.57 -0.78
C CYS B 16 19.97 -9.65 -1.11
N GLY B 17 20.63 -9.88 -2.23
CA GLY B 17 21.75 -9.03 -2.62
C GLY B 17 21.24 -7.63 -2.94
N GLU B 18 22.02 -6.60 -2.59
CA GLU B 18 21.60 -5.22 -2.79
C GLU B 18 22.79 -4.28 -2.83
N SER B 19 22.51 -3.01 -3.13
CA SER B 19 23.46 -1.92 -3.03
C SER B 19 24.82 -2.13 -3.71
N PRO B 20 24.81 -2.50 -4.98
CA PRO B 20 26.12 -2.61 -5.64
C PRO B 20 26.72 -1.22 -5.83
N VAL B 21 28.00 -1.11 -5.51
CA VAL B 21 28.73 0.14 -5.60
C VAL B 21 30.09 -0.18 -6.17
N TRP B 22 30.52 0.55 -7.20
CA TRP B 22 31.83 0.30 -7.78
C TRP B 22 32.89 1.18 -7.11
N GLU B 23 33.95 0.54 -6.61
CA GLU B 23 35.06 1.25 -5.98
C GLU B 23 36.21 1.26 -6.96
N GLU B 24 36.32 2.33 -7.74
CA GLU B 24 37.28 2.35 -8.85
C GLU B 24 38.73 2.35 -8.38
N VAL B 25 38.98 2.77 -7.15
CA VAL B 25 40.36 2.86 -6.67
C VAL B 25 40.98 1.46 -6.44
N SER B 26 40.12 0.47 -6.24
CA SER B 26 40.59 -0.91 -6.05
C SER B 26 40.04 -1.90 -7.07
N ASN B 27 39.42 -1.39 -8.14
CA ASN B 27 38.73 -2.23 -9.12
C ASN B 27 37.76 -3.23 -8.50
N SER B 28 36.98 -2.79 -7.50
CA SER B 28 36.16 -3.74 -6.75
C SER B 28 34.69 -3.39 -6.79
N LEU B 29 33.83 -4.40 -6.62
CA LEU B 29 32.40 -4.16 -6.40
C LEU B 29 32.04 -4.39 -4.94
N LEU B 30 31.42 -3.40 -4.34
CA LEU B 30 30.85 -3.57 -3.01
C LEU B 30 29.39 -3.97 -3.14
N PHE B 31 28.91 -4.77 -2.21
CA PHE B 31 27.48 -5.07 -2.15
C PHE B 31 27.10 -5.56 -0.76
N VAL B 32 25.80 -5.72 -0.52
CA VAL B 32 25.34 -6.25 0.76
C VAL B 32 24.41 -7.44 0.53
N ASP B 33 24.22 -8.24 1.58
CA ASP B 33 23.19 -9.28 1.58
C ASP B 33 22.39 -9.00 2.82
N ILE B 34 21.20 -8.43 2.63
CA ILE B 34 20.52 -7.74 3.72
C ILE B 34 20.21 -8.57 4.98
N PRO B 35 19.39 -9.65 4.85
CA PRO B 35 19.06 -10.37 6.08
C PRO B 35 20.23 -11.20 6.61
N ALA B 36 21.23 -11.44 5.77
CA ALA B 36 22.43 -12.18 6.15
C ALA B 36 23.39 -11.25 6.92
N LYS B 37 23.08 -9.95 6.87
CA LYS B 37 23.79 -8.93 7.62
C LYS B 37 25.22 -8.76 7.08
N LYS B 38 25.42 -9.06 5.81
CA LYS B 38 26.77 -9.07 5.25
C LYS B 38 27.07 -7.89 4.34
N VAL B 39 28.28 -7.36 4.46
CA VAL B 39 28.83 -6.43 3.47
C VAL B 39 29.99 -7.15 2.78
N CYS B 40 30.05 -7.06 1.45
CA CYS B 40 31.05 -7.81 0.71
C CYS B 40 31.80 -6.92 -0.26
N ARG B 41 33.02 -7.33 -0.61
CA ARG B 41 33.80 -6.56 -1.56
C ARG B 41 34.50 -7.53 -2.46
N TRP B 42 34.16 -7.50 -3.75
CA TRP B 42 34.73 -8.43 -4.74
C TRP B 42 35.73 -7.70 -5.63
N ASP B 43 36.98 -8.17 -5.62
CA ASP B 43 38.03 -7.65 -6.49
C ASP B 43 37.86 -8.20 -7.90
N SER B 44 37.61 -7.34 -8.89
CA SER B 44 37.31 -7.78 -10.23
C SER B 44 38.53 -8.37 -10.93
N PHE B 45 39.71 -8.16 -10.37
CA PHE B 45 40.92 -8.68 -11.02
C PHE B 45 41.38 -10.00 -10.39
N THR B 46 41.41 -10.05 -9.07
CA THR B 46 41.86 -11.25 -8.39
C THR B 46 40.73 -12.22 -8.11
N LYS B 47 39.49 -11.71 -8.24
CA LYS B 47 38.26 -12.48 -8.02
C LYS B 47 38.03 -12.86 -6.56
N GLN B 48 38.78 -12.26 -5.65
CA GLN B 48 38.63 -12.56 -4.23
C GLN B 48 37.50 -11.73 -3.63
N VAL B 49 36.86 -12.26 -2.58
CA VAL B 49 35.78 -11.52 -1.92
C VAL B 49 36.13 -11.42 -0.45
N GLN B 50 36.02 -10.21 0.08
CA GLN B 50 36.12 -10.00 1.52
C GLN B 50 34.70 -9.85 2.06
N ARG B 51 34.41 -10.50 3.17
CA ARG B 51 33.05 -10.44 3.71
C ARG B 51 33.07 -10.03 5.16
N VAL B 52 32.14 -9.18 5.56
CA VAL B 52 32.01 -8.83 6.96
C VAL B 52 30.56 -9.01 7.36
N THR B 53 30.32 -9.61 8.51
CA THR B 53 28.96 -9.80 9.00
C THR B 53 28.70 -8.85 10.16
N MET B 54 27.57 -8.16 10.10
CA MET B 54 27.23 -7.17 11.13
C MET B 54 26.24 -7.76 12.13
N ASP B 55 25.80 -6.92 13.06
CA ASP B 55 24.92 -7.38 14.14
C ASP B 55 23.43 -7.11 13.89
N ALA B 56 23.12 -6.52 12.74
CA ALA B 56 21.73 -6.30 12.32
C ALA B 56 21.73 -6.26 10.79
N PRO B 57 20.54 -6.35 10.15
CA PRO B 57 20.52 -6.33 8.69
C PRO B 57 21.20 -5.07 8.13
N VAL B 58 21.91 -5.23 7.02
CA VAL B 58 22.59 -4.13 6.38
C VAL B 58 21.97 -3.94 5.02
N SER B 59 21.35 -2.78 4.83
CA SER B 59 20.59 -2.55 3.61
C SER B 59 21.31 -1.79 2.50
N SER B 60 22.37 -1.06 2.84
CA SER B 60 23.14 -0.33 1.84
C SER B 60 24.54 -0.04 2.38
N VAL B 61 25.46 0.26 1.46
CA VAL B 61 26.83 0.58 1.82
C VAL B 61 27.31 1.65 0.83
N ALA B 62 28.16 2.56 1.29
CA ALA B 62 28.69 3.60 0.41
C ALA B 62 30.14 3.93 0.74
N LEU B 63 30.86 4.47 -0.23
CA LEU B 63 32.19 4.95 0.03
C LEU B 63 32.19 6.13 1.01
N ARG B 64 33.27 6.29 1.76
CA ARG B 64 33.44 7.46 2.61
C ARG B 64 34.81 8.02 2.28
N GLN B 65 34.85 9.30 1.94
CA GLN B 65 36.05 9.89 1.36
C GLN B 65 37.22 9.93 2.33
N SER B 66 36.93 10.14 3.61
CA SER B 66 37.98 10.24 4.62
C SER B 66 38.53 8.89 5.04
N GLY B 67 37.88 7.82 4.58
CA GLY B 67 38.39 6.47 4.79
C GLY B 67 37.33 5.51 5.27
N GLY B 68 37.44 4.27 4.84
CA GLY B 68 36.46 3.26 5.20
C GLY B 68 35.18 3.45 4.42
N TYR B 69 34.07 2.99 5.00
CA TYR B 69 32.78 3.02 4.33
C TYR B 69 31.74 3.55 5.28
N VAL B 70 30.56 3.87 4.75
CA VAL B 70 29.41 4.06 5.60
C VAL B 70 28.35 3.03 5.20
N ALA B 71 27.42 2.72 6.10
CA ALA B 71 26.43 1.69 5.80
C ALA B 71 25.20 1.97 6.61
N THR B 72 24.05 1.48 6.14
CA THR B 72 22.82 1.60 6.92
C THR B 72 22.54 0.22 7.51
N ILE B 73 22.64 0.14 8.83
CA ILE B 73 22.52 -1.11 9.56
C ILE B 73 21.36 -0.96 10.54
N GLY B 74 20.32 -1.78 10.41
CA GLY B 74 19.09 -1.58 11.20
C GLY B 74 18.56 -0.20 10.84
N THR B 75 18.31 0.64 11.84
CA THR B 75 17.85 2.00 11.58
C THR B 75 18.95 3.00 11.86
N LYS B 76 20.21 2.60 11.67
CA LYS B 76 21.34 3.46 12.00
C LYS B 76 22.32 3.67 10.84
N PHE B 77 22.71 4.93 10.64
CA PHE B 77 23.80 5.26 9.73
C PHE B 77 25.08 4.95 10.50
N CYS B 78 25.92 4.08 9.96
CA CYS B 78 27.16 3.71 10.64
C CYS B 78 28.41 3.96 9.80
N ALA B 79 29.52 4.15 10.50
CA ALA B 79 30.81 4.16 9.81
C ALA B 79 31.39 2.76 9.93
N LEU B 80 31.94 2.26 8.85
CA LEU B 80 32.45 0.91 8.87
C LEU B 80 33.94 0.92 8.62
N ASN B 81 34.68 0.59 9.68
CA ASN B 81 36.11 0.40 9.56
C ASN B 81 36.36 -1.02 9.07
N TRP B 82 36.79 -1.12 7.83
CA TRP B 82 36.93 -2.41 7.16
C TRP B 82 38.04 -3.28 7.74
N LYS B 83 39.13 -2.67 8.18
CA LYS B 83 40.25 -3.43 8.71
C LYS B 83 39.97 -3.95 10.12
N GLU B 84 39.37 -3.09 10.94
CA GLU B 84 39.06 -3.45 12.33
C GLU B 84 37.76 -4.26 12.39
N GLN B 85 36.98 -4.20 11.31
CA GLN B 85 35.69 -4.87 11.24
C GLN B 85 34.77 -4.44 12.38
N SER B 86 34.61 -3.12 12.53
CA SER B 86 33.69 -2.62 13.54
C SER B 86 32.93 -1.46 12.95
N ALA B 87 31.71 -1.25 13.48
CA ALA B 87 30.90 -0.16 13.02
C ALA B 87 30.73 0.79 14.19
N VAL B 88 30.78 2.10 13.89
CA VAL B 88 30.46 3.15 14.86
C VAL B 88 29.21 3.86 14.35
N VAL B 89 28.21 4.01 15.21
CA VAL B 89 26.98 4.68 14.83
C VAL B 89 27.15 6.20 14.65
N LEU B 90 26.76 6.71 13.47
CA LEU B 90 26.78 8.16 13.21
C LEU B 90 25.48 8.88 13.57
N ALA B 91 24.35 8.19 13.40
CA ALA B 91 23.04 8.76 13.72
C ALA B 91 21.99 7.65 13.62
N THR B 92 20.81 7.90 14.19
CA THR B 92 19.72 6.92 14.24
C THR B 92 18.43 7.58 13.73
N VAL B 93 17.57 6.81 13.08
CA VAL B 93 16.27 7.30 12.60
C VAL B 93 15.17 6.35 13.06
N ASP B 94 13.91 6.76 12.90
CA ASP B 94 12.75 5.88 13.19
C ASP B 94 12.80 5.22 14.57
N ASN B 95 13.25 5.97 15.57
CA ASN B 95 13.36 5.45 16.94
C ASN B 95 12.05 4.92 17.49
N ASP B 96 10.93 5.49 17.05
CA ASP B 96 9.61 5.15 17.59
C ASP B 96 9.00 3.91 16.94
N LYS B 97 9.55 3.50 15.80
CA LYS B 97 9.00 2.37 15.08
C LYS B 97 9.48 1.06 15.71
N LYS B 98 8.56 0.12 15.87
CA LYS B 98 8.90 -1.13 16.54
C LYS B 98 9.72 -2.04 15.64
N ASN B 99 9.43 -1.99 14.35
CA ASN B 99 9.94 -2.99 13.44
C ASN B 99 10.33 -2.42 12.07
N ASN B 100 11.04 -1.29 12.05
CA ASN B 100 11.55 -0.71 10.80
C ASN B 100 13.03 -1.00 10.58
N ARG B 101 13.47 -0.85 9.32
CA ARG B 101 14.90 -0.80 9.02
C ARG B 101 15.11 0.13 7.84
N PHE B 102 16.34 0.59 7.66
CA PHE B 102 16.71 1.21 6.41
C PHE B 102 16.51 0.24 5.23
N ASN B 103 16.27 0.81 4.05
CA ASN B 103 16.34 0.06 2.80
C ASN B 103 17.41 0.66 1.89
N ASP B 104 17.04 1.03 0.67
CA ASP B 104 18.03 1.51 -0.30
CA ASP B 104 18.05 1.50 -0.28
C ASP B 104 18.61 2.87 0.08
N GLY B 105 19.88 3.08 -0.23
CA GLY B 105 20.56 4.31 0.10
C GLY B 105 21.64 4.61 -0.93
N LYS B 106 22.02 5.88 -1.07
CA LYS B 106 23.03 6.30 -2.06
C LYS B 106 23.57 7.70 -1.68
N VAL B 107 24.81 8.00 -2.03
CA VAL B 107 25.34 9.32 -1.74
C VAL B 107 25.05 10.31 -2.88
N ASP B 108 24.64 11.54 -2.51
CA ASP B 108 24.28 12.57 -3.49
C ASP B 108 25.55 13.32 -3.99
N PRO B 109 25.40 14.19 -5.00
CA PRO B 109 26.60 14.83 -5.57
C PRO B 109 27.38 15.74 -4.62
N ALA B 110 26.82 16.06 -3.44
CA ALA B 110 27.54 16.87 -2.46
C ALA B 110 28.03 16.05 -1.26
N GLY B 111 27.98 14.74 -1.38
CA GLY B 111 28.52 13.87 -0.33
C GLY B 111 27.53 13.61 0.82
N ARG B 112 26.24 13.77 0.56
CA ARG B 112 25.22 13.48 1.58
C ARG B 112 24.69 12.05 1.37
N TYR B 113 24.58 11.29 2.46
CA TYR B 113 24.14 9.90 2.35
C TYR B 113 22.60 9.81 2.47
N PHE B 114 21.91 9.70 1.33
CA PHE B 114 20.45 9.53 1.35
C PHE B 114 20.08 8.07 1.62
N ALA B 115 19.09 7.84 2.46
CA ALA B 115 18.59 6.48 2.61
C ALA B 115 17.19 6.53 3.16
N GLY B 116 16.32 5.66 2.67
CA GLY B 116 14.96 5.60 3.18
C GLY B 116 14.68 4.33 3.96
N THR B 117 13.60 4.33 4.73
CA THR B 117 13.26 3.20 5.57
C THR B 117 12.01 2.46 5.11
N MET B 118 11.67 1.39 5.83
CA MET B 118 10.48 0.58 5.56
C MET B 118 10.14 -0.21 6.79
N ALA B 119 8.88 -0.64 6.93
CA ALA B 119 8.57 -1.64 7.95
C ALA B 119 9.12 -2.99 7.51
N GLU B 120 9.72 -3.74 8.43
CA GLU B 120 10.28 -5.04 8.05
C GLU B 120 9.16 -6.03 7.77
N GLU B 121 9.34 -6.84 6.73
CA GLU B 121 8.44 -7.95 6.49
C GLU B 121 8.31 -8.83 7.72
N THR B 122 7.11 -9.36 7.94
CA THR B 122 6.86 -10.35 8.98
C THR B 122 6.66 -11.69 8.26
N ALA B 123 6.68 -11.63 6.93
CA ALA B 123 6.47 -12.78 6.07
C ALA B 123 6.93 -12.40 4.67
N PRO B 124 7.12 -13.39 3.78
CA PRO B 124 7.33 -13.01 2.38
C PRO B 124 6.14 -12.22 1.85
N ALA B 125 6.37 -10.96 1.48
CA ALA B 125 5.38 -10.08 0.86
C ALA B 125 4.30 -9.53 1.80
N VAL B 126 4.58 -9.48 3.10
CA VAL B 126 3.64 -8.89 4.04
C VAL B 126 4.34 -7.93 5.02
N LEU B 127 4.00 -6.64 4.91
CA LEU B 127 4.58 -5.63 5.79
C LEU B 127 3.55 -4.56 6.14
N GLU B 128 3.76 -3.87 7.26
CA GLU B 128 2.92 -2.73 7.59
C GLU B 128 3.19 -1.62 6.58
N ARG B 129 2.12 -1.08 5.99
CA ARG B 129 2.24 -0.17 4.87
C ARG B 129 2.49 1.28 5.28
N HIS B 130 3.14 2.04 4.40
CA HIS B 130 3.37 3.47 4.62
C HIS B 130 4.09 3.81 5.92
N GLN B 131 5.00 2.95 6.35
CA GLN B 131 5.69 3.17 7.62
C GLN B 131 7.09 3.76 7.46
N GLY B 132 7.54 3.96 6.23
CA GLY B 132 8.90 4.45 5.98
C GLY B 132 8.99 5.94 5.69
N ALA B 133 10.22 6.43 5.59
CA ALA B 133 10.48 7.84 5.31
C ALA B 133 11.83 7.96 4.62
N LEU B 134 12.06 9.06 3.92
CA LEU B 134 13.37 9.30 3.31
C LEU B 134 14.16 10.27 4.19
N TYR B 135 15.41 9.91 4.47
CA TYR B 135 16.31 10.71 5.28
C TYR B 135 17.59 10.98 4.52
N SER B 136 18.39 11.92 5.01
N SER B 136 18.39 11.91 5.02
CA SER B 136 19.75 12.06 4.49
CA SER B 136 19.74 12.10 4.49
C SER B 136 20.70 12.47 5.60
C SER B 136 20.70 12.48 5.61
N LEU B 137 21.87 11.87 5.60
CA LEU B 137 22.91 12.16 6.59
C LEU B 137 23.87 13.18 5.98
N PHE B 138 23.91 14.38 6.55
CA PHE B 138 24.76 15.47 6.06
C PHE B 138 26.22 15.27 6.50
N PRO B 139 27.15 15.97 5.84
CA PRO B 139 28.57 15.81 6.20
C PRO B 139 28.88 16.18 7.65
N ASP B 140 28.06 17.05 8.25
CA ASP B 140 28.25 17.41 9.65
C ASP B 140 27.56 16.44 10.61
N HIS B 141 26.98 15.40 10.01
CA HIS B 141 26.36 14.27 10.71
C HIS B 141 24.95 14.54 11.22
N HIS B 142 24.41 15.70 10.85
CA HIS B 142 23.02 16.01 11.14
C HIS B 142 22.17 15.20 10.16
N VAL B 143 20.98 14.78 10.58
CA VAL B 143 20.09 14.01 9.71
C VAL B 143 18.81 14.77 9.41
N LYS B 144 18.52 14.88 8.12
CA LYS B 144 17.33 15.57 7.64
C LYS B 144 16.27 14.58 7.19
N LYS B 145 15.04 14.82 7.62
CA LYS B 145 13.92 14.01 7.17
C LYS B 145 13.14 14.73 6.08
N TYR B 146 12.93 14.05 4.95
CA TYR B 146 12.35 14.69 3.77
C TYR B 146 10.85 14.56 3.66
N PHE B 147 10.38 13.33 3.75
CA PHE B 147 8.96 13.03 3.73
C PHE B 147 8.74 11.64 4.28
N ASP B 148 7.50 11.37 4.69
CA ASP B 148 7.15 10.05 5.17
C ASP B 148 6.04 9.45 4.34
N GLN B 149 5.35 8.46 4.93
CA GLN B 149 4.30 7.71 4.25
C GLN B 149 4.87 6.83 3.14
N VAL B 150 6.16 6.53 3.23
CA VAL B 150 6.79 5.65 2.27
C VAL B 150 6.44 4.18 2.57
N ASP B 151 6.11 3.42 1.52
CA ASP B 151 5.90 1.98 1.67
C ASP B 151 7.23 1.24 1.74
N ILE B 152 7.97 1.26 0.63
CA ILE B 152 9.28 0.61 0.58
C ILE B 152 10.23 1.57 -0.15
N SER B 153 11.12 2.22 0.59
CA SER B 153 12.03 3.18 -0.03
C SER B 153 13.04 2.40 -0.86
N ASN B 154 13.08 2.65 -2.15
CA ASN B 154 14.02 1.93 -2.99
C ASN B 154 14.90 2.82 -3.84
N GLY B 155 15.05 2.49 -5.12
CA GLY B 155 16.04 3.12 -5.98
C GLY B 155 16.02 4.65 -5.99
N LEU B 156 17.21 5.24 -6.11
CA LEU B 156 17.35 6.69 -6.12
C LEU B 156 18.63 7.11 -6.85
N ASP B 157 18.60 8.30 -7.46
CA ASP B 157 19.78 8.87 -8.12
C ASP B 157 19.59 10.35 -8.46
N TRP B 158 20.60 10.99 -9.04
CA TRP B 158 20.53 12.42 -9.32
C TRP B 158 20.94 12.69 -10.76
N SER B 159 20.31 13.69 -11.37
CA SER B 159 20.63 14.08 -12.74
C SER B 159 22.06 14.61 -12.83
N LEU B 160 22.62 14.55 -14.03
CA LEU B 160 24.00 14.93 -14.22
C LEU B 160 24.24 16.43 -13.98
N ASP B 161 23.20 17.24 -14.14
CA ASP B 161 23.34 18.67 -13.85
C ASP B 161 23.04 18.98 -12.38
N HIS B 162 22.76 17.93 -11.63
CA HIS B 162 22.57 18.04 -10.18
C HIS B 162 21.39 18.93 -9.81
N LYS B 163 20.36 18.93 -10.65
CA LYS B 163 19.14 19.70 -10.38
C LYS B 163 17.87 18.86 -10.22
N ILE B 164 17.99 17.53 -10.43
CA ILE B 164 16.83 16.64 -10.34
C ILE B 164 17.14 15.39 -9.50
N PHE B 165 16.26 15.06 -8.56
CA PHE B 165 16.38 13.84 -7.76
C PHE B 165 15.34 12.83 -8.23
N TYR B 166 15.78 11.62 -8.59
CA TYR B 166 14.89 10.54 -9.00
C TYR B 166 14.70 9.55 -7.86
N TYR B 167 13.46 9.10 -7.63
CA TYR B 167 13.15 8.33 -6.45
C TYR B 167 12.08 7.26 -6.70
N ILE B 168 12.30 6.07 -6.14
CA ILE B 168 11.33 4.97 -6.27
C ILE B 168 10.79 4.53 -4.91
N ASP B 169 9.48 4.69 -4.69
CA ASP B 169 8.77 3.95 -3.64
C ASP B 169 8.10 2.80 -4.38
N SER B 170 8.53 1.58 -4.07
CA SER B 170 8.24 0.43 -4.93
C SER B 170 6.75 0.17 -5.11
N LEU B 171 5.98 0.27 -4.03
CA LEU B 171 4.56 -0.07 -4.11
C LEU B 171 3.68 1.03 -4.75
N SER B 172 4.32 2.11 -5.18
CA SER B 172 3.66 3.10 -6.04
C SER B 172 3.80 2.67 -7.50
N TYR B 173 4.71 1.74 -7.76
CA TYR B 173 4.99 1.24 -9.10
C TYR B 173 5.34 2.37 -10.06
N SER B 174 5.96 3.42 -9.52
CA SER B 174 6.26 4.63 -10.28
C SER B 174 7.67 5.13 -10.00
N VAL B 175 8.36 5.61 -11.04
CA VAL B 175 9.59 6.35 -10.85
C VAL B 175 9.27 7.84 -10.79
N ASP B 176 9.67 8.50 -9.70
CA ASP B 176 9.35 9.91 -9.49
C ASP B 176 10.58 10.81 -9.62
N ALA B 177 10.33 12.11 -9.80
CA ALA B 177 11.41 13.09 -9.83
C ALA B 177 11.07 14.28 -8.96
N PHE B 178 12.11 14.92 -8.43
CA PHE B 178 11.97 16.12 -7.63
C PHE B 178 12.94 17.16 -8.17
N ASP B 179 12.61 18.43 -8.00
CA ASP B 179 13.62 19.46 -8.13
C ASP B 179 14.55 19.31 -6.94
N TYR B 180 15.84 19.52 -7.16
CA TYR B 180 16.86 19.29 -6.14
C TYR B 180 17.88 20.43 -6.13
N ASP B 181 18.24 20.89 -4.94
CA ASP B 181 19.22 21.97 -4.78
C ASP B 181 20.53 21.43 -4.21
N LEU B 182 21.58 21.49 -5.00
CA LEU B 182 22.86 20.89 -4.62
C LEU B 182 23.44 21.53 -3.38
N GLN B 183 23.30 22.85 -3.29
CA GLN B 183 23.87 23.62 -2.19
C GLN B 183 23.23 23.28 -0.85
N THR B 184 21.92 23.01 -0.85
CA THR B 184 21.17 22.82 0.39
C THR B 184 20.69 21.39 0.60
N GLY B 185 20.57 20.64 -0.49
CA GLY B 185 20.06 19.28 -0.42
C GLY B 185 18.55 19.22 -0.33
N GLN B 186 17.88 20.33 -0.59
CA GLN B 186 16.42 20.37 -0.50
C GLN B 186 15.77 19.82 -1.76
N ILE B 187 14.63 19.15 -1.60
CA ILE B 187 13.88 18.65 -2.74
C ILE B 187 12.46 19.20 -2.73
N SER B 188 11.85 19.29 -3.91
CA SER B 188 10.50 19.85 -3.99
C SER B 188 9.77 19.34 -5.23
N ASN B 189 8.45 19.53 -5.25
CA ASN B 189 7.67 19.35 -6.48
C ASN B 189 7.71 17.94 -7.04
N ARG B 190 7.26 16.98 -6.24
CA ARG B 190 7.22 15.59 -6.67
C ARG B 190 6.35 15.44 -7.92
N ARG B 191 6.82 14.65 -8.87
CA ARG B 191 6.03 14.26 -10.03
C ARG B 191 6.45 12.88 -10.51
N SER B 192 5.50 12.13 -11.05
CA SER B 192 5.80 10.81 -11.61
C SER B 192 6.44 10.93 -13.00
N VAL B 193 7.53 10.18 -13.25
CA VAL B 193 8.19 10.23 -14.55
C VAL B 193 7.84 9.01 -15.41
N TYR B 194 7.54 7.90 -14.75
CA TYR B 194 7.32 6.65 -15.46
C TYR B 194 6.56 5.66 -14.57
N LYS B 195 5.47 5.13 -15.10
CA LYS B 195 4.72 4.08 -14.42
C LYS B 195 5.01 2.77 -15.12
N LEU B 196 5.32 1.74 -14.34
CA LEU B 196 5.73 0.46 -14.89
C LEU B 196 4.58 -0.30 -15.54
N GLU B 197 4.92 -1.06 -16.59
CA GLU B 197 4.02 -2.03 -17.18
C GLU B 197 3.79 -3.14 -16.17
N LYS B 198 2.67 -3.83 -16.31
CA LYS B 198 2.37 -4.99 -15.46
C LYS B 198 3.50 -6.02 -15.47
N GLU B 199 4.05 -6.31 -16.64
CA GLU B 199 5.10 -7.32 -16.75
C GLU B 199 6.48 -6.82 -16.31
N GLU B 200 6.56 -5.54 -15.97
CA GLU B 200 7.80 -4.99 -15.43
C GLU B 200 7.82 -5.16 -13.91
N GLN B 201 6.71 -5.69 -13.38
CA GLN B 201 6.54 -5.97 -11.95
C GLN B 201 6.89 -4.79 -11.04
N ILE B 202 7.78 -5.02 -10.07
CA ILE B 202 8.04 -4.02 -9.02
C ILE B 202 9.35 -3.27 -9.23
N PRO B 203 9.28 -1.95 -9.35
CA PRO B 203 10.50 -1.14 -9.53
C PRO B 203 11.30 -1.18 -8.23
N ASP B 204 12.60 -1.46 -8.33
CA ASP B 204 13.42 -1.68 -7.16
C ASP B 204 14.61 -0.72 -7.19
N GLY B 205 15.82 -1.24 -7.42
CA GLY B 205 16.99 -0.36 -7.46
C GLY B 205 17.11 0.42 -8.77
N MET B 206 17.93 1.46 -8.79
CA MET B 206 18.00 2.35 -9.95
C MET B 206 19.34 3.08 -10.05
N CYS B 207 19.89 3.23 -11.26
CA CYS B 207 21.07 4.06 -11.41
C CYS B 207 20.99 4.92 -12.68
N ILE B 208 21.69 6.04 -12.69
CA ILE B 208 21.70 6.92 -13.86
C ILE B 208 22.92 6.58 -14.73
N ASP B 209 22.80 6.84 -16.03
CA ASP B 209 23.94 6.66 -16.94
C ASP B 209 24.50 7.98 -17.46
N ALA B 210 25.60 7.90 -18.20
CA ALA B 210 26.28 9.11 -18.68
C ALA B 210 25.50 9.93 -19.74
N GLU B 211 24.39 9.40 -20.23
CA GLU B 211 23.51 10.15 -21.12
C GLU B 211 22.30 10.73 -20.40
N GLY B 212 22.26 10.54 -19.08
CA GLY B 212 21.16 11.05 -18.28
C GLY B 212 19.90 10.18 -18.30
N LYS B 213 20.05 8.92 -18.69
CA LYS B 213 18.94 7.97 -18.67
C LYS B 213 18.97 7.13 -17.40
N LEU B 214 17.82 6.57 -17.03
CA LEU B 214 17.72 5.81 -15.79
C LEU B 214 17.60 4.31 -16.07
N TRP B 215 18.35 3.52 -15.34
CA TRP B 215 18.26 2.06 -15.40
C TRP B 215 17.61 1.55 -14.12
N VAL B 216 16.53 0.78 -14.25
CA VAL B 216 15.73 0.32 -13.11
C VAL B 216 15.64 -1.20 -13.10
N ALA B 217 16.07 -1.80 -11.99
CA ALA B 217 15.94 -3.23 -11.81
C ALA B 217 14.51 -3.54 -11.40
N CYS B 218 13.91 -4.50 -12.09
CA CYS B 218 12.52 -4.86 -11.90
C CYS B 218 12.41 -6.13 -11.09
N TYR B 219 12.08 -5.96 -9.81
CA TYR B 219 12.01 -7.09 -8.90
C TYR B 219 10.85 -8.00 -9.27
N ASN B 220 11.17 -9.29 -9.46
CA ASN B 220 10.26 -10.33 -9.98
C ASN B 220 10.11 -10.25 -11.52
N GLY B 221 10.68 -9.20 -12.12
CA GLY B 221 10.57 -8.98 -13.55
C GLY B 221 11.75 -9.54 -14.32
N GLY B 222 12.80 -9.92 -13.61
CA GLY B 222 13.98 -10.54 -14.20
C GLY B 222 14.58 -9.70 -15.32
N ARG B 223 14.71 -8.40 -15.07
CA ARG B 223 15.14 -7.46 -16.10
C ARG B 223 15.60 -6.14 -15.50
N VAL B 224 16.42 -5.41 -16.25
CA VAL B 224 16.59 -3.99 -16.00
C VAL B 224 16.01 -3.24 -17.19
N ILE B 225 15.42 -2.08 -16.94
CA ILE B 225 14.86 -1.28 -18.02
C ILE B 225 15.50 0.09 -18.08
N ARG B 226 15.70 0.59 -19.31
CA ARG B 226 16.28 1.90 -19.50
C ARG B 226 15.19 2.92 -19.79
N LEU B 227 15.14 3.98 -18.98
CA LEU B 227 14.07 4.97 -19.10
C LEU B 227 14.61 6.33 -19.43
N ASP B 228 13.81 7.11 -20.16
CA ASP B 228 14.17 8.48 -20.49
C ASP B 228 13.28 9.42 -19.69
N PRO B 229 13.84 10.11 -18.69
CA PRO B 229 13.11 11.00 -17.80
C PRO B 229 12.76 12.32 -18.47
N VAL B 230 13.32 12.58 -19.65
CA VAL B 230 12.96 13.77 -20.40
C VAL B 230 11.63 13.54 -21.10
N THR B 231 11.44 12.31 -21.56
CA THR B 231 10.29 11.95 -22.38
C THR B 231 9.25 11.09 -21.65
N GLY B 232 9.70 10.23 -20.75
CA GLY B 232 8.80 9.38 -20.00
C GLY B 232 8.60 8.04 -20.67
N LYS B 233 9.49 7.71 -21.60
CA LYS B 233 9.38 6.48 -22.37
C LYS B 233 10.48 5.49 -22.02
N ARG B 234 10.16 4.20 -22.08
CA ARG B 234 11.16 3.16 -21.90
C ARG B 234 11.99 3.00 -23.16
N LEU B 235 13.30 3.13 -23.02
CA LEU B 235 14.21 3.07 -24.16
C LEU B 235 14.63 1.66 -24.50
N GLN B 236 14.65 0.78 -23.50
CA GLN B 236 15.24 -0.54 -23.68
C GLN B 236 14.96 -1.49 -22.50
N THR B 237 14.95 -2.79 -22.78
CA THR B 237 14.74 -3.82 -21.78
C THR B 237 15.80 -4.90 -21.91
N VAL B 238 16.51 -5.18 -20.82
CA VAL B 238 17.43 -6.30 -20.81
C VAL B 238 16.96 -7.38 -19.85
N LYS B 239 16.71 -8.57 -20.39
CA LYS B 239 16.25 -9.70 -19.59
C LYS B 239 17.44 -10.43 -18.96
N LEU B 240 17.25 -10.82 -17.71
CA LEU B 240 18.24 -11.56 -16.93
C LEU B 240 17.70 -12.97 -16.63
N PRO B 241 18.58 -13.93 -16.28
CA PRO B 241 18.21 -15.32 -16.00
C PRO B 241 17.76 -15.60 -14.56
N VAL B 242 17.43 -14.55 -13.82
CA VAL B 242 16.88 -14.70 -12.48
C VAL B 242 15.73 -13.71 -12.36
N ASP B 243 14.66 -14.10 -11.67
CA ASP B 243 13.49 -13.24 -11.60
C ASP B 243 13.66 -12.08 -10.61
N LYS B 244 14.26 -12.34 -9.46
CA LYS B 244 14.27 -11.35 -8.38
C LYS B 244 15.45 -10.36 -8.47
N THR B 245 15.60 -9.71 -9.61
CA THR B 245 16.63 -8.69 -9.81
C THR B 245 16.34 -7.50 -8.91
N THR B 246 17.32 -7.08 -8.10
CA THR B 246 17.06 -6.05 -7.08
C THR B 246 17.66 -4.66 -7.34
N SER B 247 18.84 -4.59 -7.94
CA SER B 247 19.47 -3.29 -8.15
C SER B 247 20.59 -3.43 -9.15
N CYS B 248 21.17 -2.30 -9.51
CA CYS B 248 22.20 -2.29 -10.54
C CYS B 248 23.07 -1.05 -10.40
N CYS B 249 24.31 -1.16 -10.89
CA CYS B 249 25.19 0.00 -10.98
C CYS B 249 26.11 -0.26 -12.14
N PHE B 250 26.82 0.78 -12.56
CA PHE B 250 27.85 0.63 -13.58
C PHE B 250 29.24 0.53 -12.94
N GLY B 251 30.14 -0.17 -13.60
CA GLY B 251 31.49 -0.34 -13.10
C GLY B 251 32.37 -0.85 -14.22
N GLY B 252 33.54 -1.36 -13.87
CA GLY B 252 34.48 -1.86 -14.85
C GLY B 252 35.14 -0.73 -15.61
N LYS B 253 35.74 -1.05 -16.75
CA LYS B 253 36.46 -0.06 -17.53
C LYS B 253 35.54 1.03 -18.09
N ASN B 254 35.86 2.29 -17.76
CA ASN B 254 35.06 3.44 -18.16
C ASN B 254 33.59 3.34 -17.78
N TYR B 255 33.31 2.57 -16.73
CA TYR B 255 31.95 2.38 -16.26
C TYR B 255 31.09 1.80 -17.39
N SER B 256 31.70 0.95 -18.20
CA SER B 256 31.02 0.37 -19.37
C SER B 256 30.29 -0.95 -19.10
N GLU B 257 30.37 -1.46 -17.87
CA GLU B 257 29.75 -2.73 -17.55
C GLU B 257 28.69 -2.53 -16.48
N MET B 258 27.58 -3.28 -16.56
CA MET B 258 26.55 -3.20 -15.53
C MET B 258 26.65 -4.39 -14.59
N TYR B 259 26.58 -4.11 -13.29
CA TYR B 259 26.54 -5.16 -12.27
C TYR B 259 25.14 -5.18 -11.67
N VAL B 260 24.57 -6.38 -11.53
CA VAL B 260 23.19 -6.53 -11.08
C VAL B 260 23.15 -7.49 -9.89
N THR B 261 22.47 -7.07 -8.84
CA THR B 261 22.27 -7.90 -7.68
C THR B 261 20.88 -8.55 -7.73
N CYS B 262 20.71 -9.62 -6.99
CA CYS B 262 19.43 -10.30 -6.93
C CYS B 262 19.22 -11.09 -5.63
N ALA B 263 18.04 -11.69 -5.48
CA ALA B 263 17.66 -12.27 -4.20
C ALA B 263 17.14 -13.72 -4.32
N ARG B 264 17.41 -14.51 -3.28
CA ARG B 264 16.87 -15.87 -3.22
C ARG B 264 15.66 -15.99 -2.29
N ASP B 265 15.58 -15.13 -1.28
CA ASP B 265 14.47 -15.19 -0.34
C ASP B 265 13.14 -15.09 -1.07
N GLY B 266 12.21 -15.98 -0.72
CA GLY B 266 10.85 -15.88 -1.24
C GLY B 266 10.58 -16.71 -2.48
N MET B 267 11.62 -17.32 -3.05
CA MET B 267 11.43 -18.17 -4.21
C MET B 267 10.91 -19.53 -3.78
N ASP B 268 10.03 -20.11 -4.61
CA ASP B 268 9.56 -21.47 -4.37
C ASP B 268 10.62 -22.44 -4.91
N PRO B 269 10.54 -23.73 -4.54
CA PRO B 269 11.61 -24.66 -4.91
C PRO B 269 11.78 -24.83 -6.41
N GLU B 270 10.70 -24.84 -7.17
CA GLU B 270 10.79 -25.00 -8.61
C GLU B 270 11.60 -23.85 -9.23
N GLY B 271 11.34 -22.63 -8.75
CA GLY B 271 12.04 -21.45 -9.23
C GLY B 271 13.53 -21.57 -9.01
N LEU B 272 13.91 -22.11 -7.87
CA LEU B 272 15.32 -22.30 -7.54
C LEU B 272 15.99 -23.33 -8.44
N LEU B 273 15.22 -24.32 -8.92
CA LEU B 273 15.81 -25.32 -9.82
C LEU B 273 15.94 -24.83 -11.25
N ARG B 274 15.09 -23.88 -11.66
CA ARG B 274 15.24 -23.22 -12.95
C ARG B 274 16.31 -22.14 -12.90
N GLN B 275 16.49 -21.55 -11.71
CA GLN B 275 17.39 -20.42 -11.55
C GLN B 275 18.46 -20.71 -10.50
N PRO B 276 19.42 -21.59 -10.86
CA PRO B 276 20.44 -22.04 -9.91
C PRO B 276 21.43 -20.95 -9.48
N GLU B 277 21.52 -19.86 -10.23
CA GLU B 277 22.38 -18.74 -9.85
C GLU B 277 21.61 -17.60 -9.18
N ALA B 278 20.41 -17.88 -8.70
CA ALA B 278 19.64 -16.89 -7.96
C ALA B 278 20.44 -16.40 -6.74
N GLY B 279 20.39 -15.10 -6.48
CA GLY B 279 21.21 -14.51 -5.43
C GLY B 279 22.63 -14.19 -5.88
N GLY B 280 22.93 -14.43 -7.15
CA GLY B 280 24.27 -14.18 -7.66
C GLY B 280 24.54 -12.72 -8.02
N ILE B 281 25.79 -12.42 -8.35
CA ILE B 281 26.16 -11.12 -8.89
C ILE B 281 26.35 -11.29 -10.39
N PHE B 282 25.58 -10.54 -11.18
CA PHE B 282 25.66 -10.65 -12.63
C PHE B 282 26.34 -9.44 -13.25
N LYS B 283 27.12 -9.67 -14.30
CA LYS B 283 27.72 -8.59 -15.06
C LYS B 283 27.14 -8.56 -16.47
N ILE B 284 26.76 -7.38 -16.94
CA ILE B 284 26.25 -7.25 -18.30
C ILE B 284 27.25 -6.46 -19.12
N THR B 285 27.75 -7.07 -20.18
CA THR B 285 28.69 -6.42 -21.08
C THR B 285 28.04 -6.25 -22.44
N GLY B 286 28.35 -5.13 -23.11
CA GLY B 286 27.90 -4.91 -24.46
C GLY B 286 26.68 -4.02 -24.58
N LEU B 287 26.34 -3.32 -23.50
CA LEU B 287 25.20 -2.41 -23.50
C LEU B 287 25.43 -1.22 -24.44
N GLY B 288 26.68 -0.75 -24.52
CA GLY B 288 26.99 0.38 -25.36
C GLY B 288 26.65 1.73 -24.75
N VAL B 289 26.43 1.75 -23.44
CA VAL B 289 26.37 3.04 -22.74
C VAL B 289 27.26 2.94 -21.50
N LYS B 290 27.75 4.08 -21.03
CA LYS B 290 28.59 4.14 -19.85
C LYS B 290 27.77 4.69 -18.69
N GLY B 291 28.15 4.32 -17.47
CA GLY B 291 27.56 4.94 -16.29
C GLY B 291 28.52 6.00 -15.78
N ILE B 292 28.32 6.43 -14.54
CA ILE B 292 29.19 7.42 -13.90
C ILE B 292 29.70 6.87 -12.56
N ALA B 293 30.75 7.46 -12.01
CA ALA B 293 31.31 7.03 -10.73
C ALA B 293 30.32 7.34 -9.63
N PRO B 294 30.33 6.55 -8.55
CA PRO B 294 29.50 6.92 -7.39
C PRO B 294 30.13 8.07 -6.62
N TYR B 295 29.29 8.77 -5.85
CA TYR B 295 29.80 9.80 -4.97
C TYR B 295 30.13 9.18 -3.63
N SER B 296 30.89 9.92 -2.83
CA SER B 296 31.45 9.39 -1.60
C SER B 296 30.96 10.25 -0.43
N TYR B 297 30.55 9.59 0.66
CA TYR B 297 30.12 10.34 1.85
C TYR B 297 31.21 11.35 2.31
N ALA B 298 30.78 12.59 2.55
CA ALA B 298 31.73 13.70 2.80
C ALA B 298 31.98 13.97 4.28
N GLY B 299 31.36 13.17 5.14
CA GLY B 299 31.53 13.36 6.57
C GLY B 299 32.39 12.29 7.18
#